data_8GUN
#
_entry.id   8GUN
#
_cell.length_a   106.548
_cell.length_b   106.548
_cell.length_c   151.062
_cell.angle_alpha   90.0
_cell.angle_beta   90.0
_cell.angle_gamma   90.0
#
_symmetry.space_group_name_H-M   'I 4 2 2'
#
loop_
_entity.id
_entity.type
_entity.pdbx_description
1 polymer 'Type VII secretion system protein EssD'
2 non-polymer 'MAGNESIUM ION'
3 water water
#
_entity_poly.entity_id   1
_entity_poly.type   'polypeptide(L)'
_entity_poly.pdbx_seq_one_letter_code
;HEMNSSKYVESPNYTKVEFGEHYARLRPKKLKANIEYTTPTGHIYRTDHKGRIKEVYVDNLSLKDGDRNSHAQRTVGGED
RLPDDDGGALIARMFGGSKDIDNLVAQSKFINRPFKEKGHWYNLEKEWQEFLNSGKEVKNIKMEVKYSGNSQRPTIFKVE
YEINGERNIRRILNK
;
_entity_poly.pdbx_strand_id   A,B
#
loop_
_chem_comp.id
_chem_comp.type
_chem_comp.name
_chem_comp.formula
MG non-polymer 'MAGNESIUM ION' 'Mg 2'
#
# COMPACT_ATOMS: atom_id res chain seq x y z
N SER A 5 11.96 -21.51 -19.07
CA SER A 5 11.71 -20.07 -19.03
C SER A 5 10.33 -19.75 -18.47
N SER A 6 10.05 -18.46 -18.28
CA SER A 6 8.75 -18.02 -17.80
C SER A 6 8.24 -16.85 -18.62
N LYS A 7 8.87 -16.63 -19.77
CA LYS A 7 8.49 -15.56 -20.68
C LYS A 7 7.23 -15.92 -21.47
N TYR A 8 6.42 -14.91 -21.77
CA TYR A 8 5.19 -15.08 -22.53
C TYR A 8 5.43 -15.70 -23.90
N VAL A 9 4.74 -16.80 -24.18
CA VAL A 9 4.74 -17.40 -25.51
C VAL A 9 3.31 -17.45 -26.04
N GLU A 10 3.12 -16.98 -27.26
CA GLU A 10 1.81 -16.98 -27.89
C GLU A 10 1.24 -18.39 -27.98
N SER A 11 -0.08 -18.51 -27.83
CA SER A 11 -0.72 -19.82 -27.85
C SER A 11 -2.04 -19.78 -28.61
N PRO A 12 -2.29 -20.79 -29.45
CA PRO A 12 -3.55 -20.90 -30.20
C PRO A 12 -4.72 -21.36 -29.33
N ASN A 13 -4.45 -21.70 -28.07
CA ASN A 13 -5.49 -22.11 -27.13
C ASN A 13 -6.25 -20.93 -26.54
N TYR A 14 -5.92 -19.73 -27.00
CA TYR A 14 -6.54 -18.52 -26.49
C TYR A 14 -6.74 -17.50 -27.62
N THR A 15 -7.94 -16.92 -27.68
CA THR A 15 -8.23 -15.92 -28.69
C THR A 15 -8.13 -14.51 -28.10
N LYS A 16 -7.29 -13.68 -28.72
CA LYS A 16 -7.01 -12.34 -28.22
C LYS A 16 -8.19 -11.40 -28.42
N VAL A 17 -8.45 -10.57 -27.41
CA VAL A 17 -9.56 -9.62 -27.48
C VAL A 17 -9.11 -8.21 -27.10
N GLU A 18 -9.68 -7.22 -27.78
CA GLU A 18 -9.44 -5.81 -27.47
C GLU A 18 -9.76 -5.54 -26.00
N PHE A 19 -8.90 -4.78 -25.32
CA PHE A 19 -9.14 -4.48 -23.92
C PHE A 19 -10.40 -3.62 -23.78
N GLY A 20 -11.35 -4.10 -22.99
CA GLY A 20 -12.64 -3.46 -22.86
C GLY A 20 -13.75 -4.38 -23.36
N GLU A 21 -13.37 -5.36 -24.17
CA GLU A 21 -14.30 -6.33 -24.71
C GLU A 21 -14.01 -7.73 -24.16
N HIS A 22 -13.37 -7.80 -23.00
CA HIS A 22 -12.97 -9.09 -22.43
C HIS A 22 -13.99 -9.60 -21.40
N TYR A 23 -15.06 -8.85 -21.20
CA TYR A 23 -16.14 -9.30 -20.33
C TYR A 23 -17.24 -10.00 -21.12
N ALA A 24 -17.68 -11.14 -20.62
CA ALA A 24 -18.80 -11.86 -21.24
C ALA A 24 -20.12 -11.32 -20.73
N ARG A 25 -20.10 -10.84 -19.49
CA ARG A 25 -21.30 -10.33 -18.84
C ARG A 25 -20.95 -9.14 -17.96
N LEU A 26 -21.87 -8.18 -17.89
CA LEU A 26 -21.65 -6.95 -17.13
C LEU A 26 -22.36 -7.00 -15.78
N ARG A 27 -23.48 -7.69 -15.73
CA ARG A 27 -24.28 -7.77 -14.51
C ARG A 27 -24.87 -9.16 -14.32
N PRO A 28 -24.22 -10.00 -13.49
CA PRO A 28 -22.97 -9.67 -12.80
C PRO A 28 -21.74 -9.81 -13.69
N LYS A 29 -20.67 -9.13 -13.33
CA LYS A 29 -19.43 -9.13 -14.11
C LYS A 29 -18.86 -10.53 -14.27
N LYS A 30 -18.49 -10.88 -15.50
CA LYS A 30 -17.82 -12.14 -15.76
C LYS A 30 -16.94 -12.07 -17.00
N LEU A 31 -15.77 -12.69 -16.92
CA LEU A 31 -14.82 -12.70 -18.03
C LEU A 31 -15.22 -13.73 -19.08
N LYS A 32 -14.87 -13.46 -20.34
CA LYS A 32 -15.07 -14.43 -21.41
C LYS A 32 -14.15 -15.63 -21.19
N ALA A 33 -14.54 -16.77 -21.76
CA ALA A 33 -13.77 -18.00 -21.59
C ALA A 33 -12.69 -18.11 -22.66
N ASN A 34 -11.58 -18.74 -22.30
CA ASN A 34 -10.46 -19.03 -23.22
C ASN A 34 -10.02 -17.83 -24.05
N ILE A 35 -9.85 -16.69 -23.39
CA ILE A 35 -9.38 -15.50 -24.08
C ILE A 35 -8.07 -14.99 -23.50
N GLU A 36 -7.49 -14.01 -24.20
CA GLU A 36 -6.29 -13.35 -23.75
C GLU A 36 -6.46 -11.86 -23.95
N TYR A 37 -6.20 -11.08 -22.92
CA TYR A 37 -6.29 -9.63 -23.04
C TYR A 37 -5.08 -8.93 -22.44
N THR A 38 -4.70 -7.81 -23.05
CA THR A 38 -3.58 -7.02 -22.57
C THR A 38 -4.10 -5.71 -22.01
N THR A 39 -3.80 -5.46 -20.73
CA THR A 39 -4.18 -4.22 -20.09
C THR A 39 -3.39 -3.08 -20.70
N PRO A 40 -3.87 -1.84 -20.55
CA PRO A 40 -3.13 -0.67 -21.05
C PRO A 40 -1.71 -0.57 -20.50
N THR A 41 -1.46 -1.15 -19.34
CA THR A 41 -0.12 -1.12 -18.75
C THR A 41 0.78 -2.21 -19.33
N GLY A 42 0.19 -3.16 -20.06
CA GLY A 42 0.97 -4.18 -20.73
C GLY A 42 0.92 -5.56 -20.12
N HIS A 43 0.15 -5.70 -19.05
CA HIS A 43 -0.01 -7.00 -18.41
C HIS A 43 -0.94 -7.91 -19.22
N ILE A 44 -0.50 -9.15 -19.42
CA ILE A 44 -1.25 -10.10 -20.23
C ILE A 44 -1.95 -11.15 -19.37
N TYR A 45 -3.26 -11.30 -19.56
CA TYR A 45 -4.04 -12.30 -18.83
C TYR A 45 -4.63 -13.35 -19.75
N ARG A 46 -4.74 -14.57 -19.24
CA ARG A 46 -5.46 -15.64 -19.95
C ARG A 46 -6.50 -16.26 -19.04
N THR A 47 -7.68 -16.53 -19.59
CA THR A 47 -8.74 -17.18 -18.85
C THR A 47 -8.94 -18.61 -19.32
N ASP A 48 -9.47 -19.47 -18.45
CA ASP A 48 -9.72 -20.86 -18.82
C ASP A 48 -11.09 -21.00 -19.47
N HIS A 49 -11.61 -22.23 -19.50
CA HIS A 49 -12.88 -22.53 -20.13
C HIS A 49 -14.08 -22.00 -19.35
N LYS A 50 -13.87 -21.68 -18.07
CA LYS A 50 -14.96 -21.20 -17.24
C LYS A 50 -14.88 -19.71 -16.95
N GLY A 51 -13.98 -19.03 -17.63
CA GLY A 51 -13.84 -17.59 -17.47
C GLY A 51 -13.00 -17.20 -16.26
N ARG A 52 -12.30 -18.18 -15.69
CA ARG A 52 -11.41 -17.91 -14.56
C ARG A 52 -10.01 -17.54 -15.04
N ILE A 53 -9.43 -16.50 -14.42
CA ILE A 53 -8.06 -16.11 -14.72
C ILE A 53 -7.12 -17.28 -14.42
N LYS A 54 -6.33 -17.67 -15.42
CA LYS A 54 -5.51 -18.86 -15.32
C LYS A 54 -4.02 -18.53 -15.38
N GLU A 55 -3.66 -17.55 -16.19
CA GLU A 55 -2.27 -17.16 -16.37
C GLU A 55 -2.12 -15.64 -16.42
N VAL A 56 -1.02 -15.14 -15.84
CA VAL A 56 -0.69 -13.72 -15.92
C VAL A 56 0.76 -13.56 -16.35
N TYR A 57 1.02 -12.62 -17.25
CA TYR A 57 2.37 -12.35 -17.72
C TYR A 57 2.72 -10.88 -17.59
N VAL A 58 3.87 -10.61 -16.99
CA VAL A 58 4.43 -9.27 -16.96
C VAL A 58 5.85 -9.31 -17.52
N ASP A 59 6.07 -8.61 -18.63
CA ASP A 59 7.39 -8.55 -19.25
C ASP A 59 8.37 -7.81 -18.35
N ASN A 60 8.00 -6.59 -17.98
CA ASN A 60 8.84 -5.75 -17.14
C ASN A 60 8.01 -5.02 -16.09
N LEU A 61 8.17 -5.40 -14.83
CA LEU A 61 7.37 -4.81 -13.77
C LEU A 61 7.89 -3.42 -13.44
N SER A 62 6.97 -2.50 -13.17
CA SER A 62 7.34 -1.15 -12.77
C SER A 62 6.32 -0.57 -11.79
N LEU A 63 6.73 0.45 -11.05
CA LEU A 63 5.87 1.10 -10.07
C LEU A 63 5.11 2.25 -10.70
N LYS A 64 3.78 2.25 -10.54
CA LYS A 64 2.92 3.25 -11.16
C LYS A 64 2.05 3.94 -10.13
N SER A 70 -15.04 -1.75 -2.66
CA SER A 70 -15.73 -1.93 -3.94
C SER A 70 -16.49 -3.25 -3.98
N HIS A 71 -17.46 -3.34 -4.88
CA HIS A 71 -18.25 -4.56 -4.99
C HIS A 71 -17.44 -5.72 -5.55
N ALA A 72 -16.49 -5.41 -6.43
CA ALA A 72 -15.65 -6.43 -7.01
C ALA A 72 -14.80 -7.12 -5.95
N GLN A 73 -14.23 -6.33 -5.05
CA GLN A 73 -13.39 -6.88 -3.99
C GLN A 73 -14.22 -7.69 -2.99
N ARG A 74 -15.48 -7.29 -2.80
CA ARG A 74 -16.33 -7.93 -1.82
C ARG A 74 -16.90 -9.28 -2.28
N THR A 75 -17.06 -9.46 -3.59
CA THR A 75 -17.83 -10.60 -4.08
C THR A 75 -17.10 -11.56 -5.01
N VAL A 76 -15.88 -11.23 -5.42
CA VAL A 76 -15.14 -12.09 -6.35
C VAL A 76 -14.91 -13.47 -5.71
N GLY A 77 -15.10 -14.52 -6.51
CA GLY A 77 -15.06 -15.88 -6.01
C GLY A 77 -16.44 -16.51 -5.94
N GLY A 78 -17.47 -15.68 -5.88
CA GLY A 78 -18.84 -16.14 -5.91
C GLY A 78 -19.25 -17.04 -4.75
N GLU A 79 -19.90 -18.15 -5.07
CA GLU A 79 -20.38 -19.09 -4.07
C GLU A 79 -19.26 -19.88 -3.41
N ASP A 80 -18.06 -19.78 -3.95
CA ASP A 80 -16.93 -20.53 -3.44
C ASP A 80 -16.04 -19.68 -2.52
N ARG A 81 -16.38 -18.40 -2.40
CA ARG A 81 -15.62 -17.49 -1.57
C ARG A 81 -15.80 -17.78 -0.08
N LEU A 82 -14.69 -17.87 0.64
CA LEU A 82 -14.71 -18.22 2.06
C LEU A 82 -14.79 -16.96 2.94
N PRO A 83 -15.26 -17.11 4.18
CA PRO A 83 -15.38 -16.00 5.13
C PRO A 83 -14.09 -15.20 5.35
N ASP A 84 -12.95 -15.87 5.32
CA ASP A 84 -11.67 -15.19 5.57
C ASP A 84 -10.96 -14.78 4.29
N ASP A 85 -11.67 -14.82 3.17
CA ASP A 85 -11.10 -14.40 1.90
C ASP A 85 -11.21 -12.90 1.68
N ASP A 86 -10.25 -12.34 0.95
CA ASP A 86 -10.36 -10.99 0.43
C ASP A 86 -10.54 -11.05 -1.08
N GLY A 87 -10.93 -9.91 -1.66
CA GLY A 87 -10.82 -9.74 -3.10
C GLY A 87 -9.39 -9.34 -3.39
N GLY A 88 -8.56 -10.31 -3.74
CA GLY A 88 -7.13 -10.07 -3.86
C GLY A 88 -6.66 -9.84 -5.28
N ALA A 89 -5.90 -8.76 -5.46
CA ALA A 89 -5.32 -8.45 -6.76
C ALA A 89 -4.17 -9.41 -7.07
N LEU A 90 -4.15 -9.91 -8.30
CA LEU A 90 -3.01 -10.70 -8.77
C LEU A 90 -1.83 -9.76 -9.02
N ILE A 91 -2.07 -8.68 -9.76
CA ILE A 91 -1.09 -7.63 -9.94
C ILE A 91 -1.55 -6.42 -9.13
N ALA A 92 -0.78 -6.06 -8.11
CA ALA A 92 -1.15 -4.96 -7.22
C ALA A 92 -1.36 -3.65 -7.96
N ARG A 93 -2.20 -2.79 -7.39
CA ARG A 93 -2.50 -1.49 -7.95
C ARG A 93 -1.25 -0.67 -8.22
N MET A 94 -0.27 -0.78 -7.32
CA MET A 94 0.97 -0.01 -7.43
C MET A 94 1.80 -0.41 -8.64
N PHE A 95 1.52 -1.58 -9.20
CA PHE A 95 2.22 -2.06 -10.39
C PHE A 95 1.40 -1.79 -11.65
N GLY A 96 0.30 -1.06 -11.49
CA GLY A 96 -0.57 -0.73 -12.59
C GLY A 96 -1.71 -1.73 -12.77
N GLY A 97 -1.94 -2.56 -11.75
CA GLY A 97 -2.97 -3.57 -11.81
C GLY A 97 -4.39 -3.01 -11.74
N SER A 98 -5.32 -3.72 -12.36
CA SER A 98 -6.71 -3.32 -12.37
C SER A 98 -7.39 -3.60 -11.03
N LYS A 99 -8.33 -2.74 -10.66
CA LYS A 99 -9.08 -2.92 -9.42
C LYS A 99 -10.32 -3.78 -9.61
N ASP A 100 -10.53 -4.25 -10.84
CA ASP A 100 -11.76 -4.97 -11.15
C ASP A 100 -11.54 -6.48 -11.29
N ILE A 101 -12.61 -7.18 -11.67
CA ILE A 101 -12.67 -8.63 -11.76
C ILE A 101 -11.66 -9.23 -12.74
N ASP A 102 -11.18 -8.41 -13.67
CA ASP A 102 -10.17 -8.87 -14.63
C ASP A 102 -8.77 -8.96 -14.02
N ASN A 103 -8.68 -8.79 -12.70
CA ASN A 103 -7.40 -8.87 -11.99
C ASN A 103 -7.59 -9.34 -10.54
N LEU A 104 -8.83 -9.48 -10.11
CA LEU A 104 -9.12 -9.91 -8.74
C LEU A 104 -9.52 -11.38 -8.68
N VAL A 105 -9.04 -12.07 -7.64
CA VAL A 105 -9.50 -13.42 -7.31
C VAL A 105 -9.75 -13.52 -5.83
N ALA A 106 -10.57 -14.49 -5.43
CA ALA A 106 -10.80 -14.76 -4.03
C ALA A 106 -9.49 -15.26 -3.43
N GLN A 107 -8.95 -14.47 -2.50
CA GLN A 107 -7.64 -14.75 -1.93
C GLN A 107 -7.71 -14.66 -0.42
N SER A 108 -7.26 -15.71 0.27
CA SER A 108 -7.25 -15.71 1.73
C SER A 108 -6.53 -14.48 2.26
N LYS A 109 -7.16 -13.81 3.24
CA LYS A 109 -6.61 -12.60 3.82
C LYS A 109 -5.24 -12.87 4.46
N PHE A 110 -5.02 -14.11 4.87
CA PHE A 110 -3.80 -14.50 5.55
C PHE A 110 -2.57 -14.49 4.63
N ILE A 111 -2.80 -14.45 3.32
CA ILE A 111 -1.68 -14.26 2.39
C ILE A 111 -1.75 -12.91 1.70
N ASN A 112 -2.97 -12.38 1.56
CA ASN A 112 -3.16 -11.08 0.92
C ASN A 112 -2.67 -9.91 1.77
N ARG A 113 -2.90 -10.00 3.08
CA ARG A 113 -2.56 -8.92 4.01
C ARG A 113 -1.29 -9.25 4.78
N PRO A 114 -0.64 -8.20 5.33
CA PRO A 114 0.46 -8.41 6.28
C PRO A 114 0.01 -9.21 7.50
N PHE A 115 0.56 -10.39 7.65
CA PHE A 115 0.38 -11.20 8.85
C PHE A 115 1.74 -11.73 9.29
N LYS A 116 2.03 -11.64 10.58
CA LYS A 116 3.27 -12.18 11.11
C LYS A 116 3.35 -13.67 10.80
N GLU A 117 4.51 -14.10 10.30
CA GLU A 117 4.76 -15.48 9.91
C GLU A 117 3.88 -15.95 8.75
N LYS A 118 3.18 -15.01 8.12
CA LYS A 118 2.34 -15.31 6.96
C LYS A 118 2.40 -14.18 5.93
N GLY A 119 1.26 -13.87 5.33
CA GLY A 119 1.17 -12.78 4.37
C GLY A 119 2.05 -12.97 3.14
N HIS A 120 2.07 -14.18 2.59
CA HIS A 120 2.99 -14.54 1.52
C HIS A 120 2.82 -13.71 0.26
N TRP A 121 1.59 -13.48 -0.16
CA TRP A 121 1.35 -12.68 -1.36
C TRP A 121 1.78 -11.24 -1.13
N TYR A 122 1.42 -10.67 0.01
CA TYR A 122 1.87 -9.33 0.39
C TYR A 122 3.40 -9.28 0.43
N ASN A 123 4.02 -10.32 0.98
CA ASN A 123 5.47 -10.35 1.09
C ASN A 123 6.15 -10.48 -0.26
N LEU A 124 5.52 -11.20 -1.19
CA LEU A 124 6.02 -11.27 -2.55
C LEU A 124 6.02 -9.87 -3.18
N GLU A 125 4.91 -9.17 -3.03
CA GLU A 125 4.76 -7.82 -3.56
C GLU A 125 5.78 -6.86 -2.94
N LYS A 126 6.05 -7.06 -1.66
CA LYS A 126 7.01 -6.24 -0.93
C LYS A 126 8.42 -6.47 -1.44
N GLU A 127 8.77 -7.73 -1.68
CA GLU A 127 10.07 -8.07 -2.26
C GLU A 127 10.27 -7.40 -3.61
N TRP A 128 9.23 -7.44 -4.44
CA TRP A 128 9.27 -6.84 -5.76
C TRP A 128 9.49 -5.33 -5.68
N GLN A 129 8.81 -4.68 -4.73
CA GLN A 129 9.00 -3.26 -4.49
C GLN A 129 10.45 -2.94 -4.13
N GLU A 130 11.00 -3.73 -3.21
CA GLU A 130 12.37 -3.53 -2.74
C GLU A 130 13.35 -3.67 -3.90
N PHE A 131 13.09 -4.64 -4.76
CA PHE A 131 13.94 -4.86 -5.93
C PHE A 131 13.88 -3.67 -6.88
N LEU A 132 12.67 -3.26 -7.24
CA LEU A 132 12.45 -2.12 -8.14
C LEU A 132 13.02 -0.83 -7.57
N ASN A 133 12.74 -0.57 -6.29
CA ASN A 133 13.23 0.64 -5.63
C ASN A 133 14.75 0.70 -5.61
N SER A 134 15.39 -0.46 -5.51
CA SER A 134 16.85 -0.54 -5.43
C SER A 134 17.51 -0.49 -6.82
N GLY A 135 16.69 -0.41 -7.86
CA GLY A 135 17.22 -0.28 -9.22
C GLY A 135 17.42 -1.60 -9.94
N LYS A 136 16.87 -2.68 -9.38
CA LYS A 136 16.94 -3.98 -10.05
C LYS A 136 15.66 -4.24 -10.84
N GLU A 137 15.77 -5.04 -11.89
CA GLU A 137 14.63 -5.31 -12.75
C GLU A 137 13.89 -6.58 -12.34
N VAL A 138 12.57 -6.48 -12.24
CA VAL A 138 11.72 -7.64 -12.07
C VAL A 138 11.11 -7.99 -13.42
N LYS A 139 11.59 -9.08 -14.03
CA LYS A 139 11.21 -9.39 -15.40
C LYS A 139 10.56 -10.76 -15.57
N ASN A 140 9.82 -10.88 -16.67
CA ASN A 140 9.22 -12.14 -17.09
C ASN A 140 8.47 -12.83 -15.96
N ILE A 141 7.58 -12.08 -15.31
CA ILE A 141 6.70 -12.65 -14.31
C ILE A 141 5.68 -13.55 -14.98
N LYS A 142 5.56 -14.78 -14.48
CA LYS A 142 4.53 -15.67 -14.97
C LYS A 142 3.75 -16.24 -13.79
N MET A 143 2.47 -15.88 -13.71
CA MET A 143 1.60 -16.42 -12.67
C MET A 143 0.75 -17.54 -13.23
N GLU A 144 0.68 -18.63 -12.49
CA GLU A 144 -0.23 -19.72 -12.82
C GLU A 144 -1.23 -19.90 -11.68
N VAL A 145 -2.51 -19.74 -11.99
CA VAL A 145 -3.56 -19.84 -10.98
C VAL A 145 -4.35 -21.13 -11.16
N LYS A 146 -4.20 -22.04 -10.19
CA LYS A 146 -4.83 -23.35 -10.29
C LYS A 146 -6.14 -23.43 -9.51
N TYR A 147 -7.14 -24.06 -10.13
CA TYR A 147 -8.45 -24.22 -9.52
C TYR A 147 -8.78 -25.69 -9.35
N SER A 148 -9.88 -25.98 -8.67
CA SER A 148 -10.29 -27.35 -8.41
C SER A 148 -11.77 -27.55 -8.69
N GLY A 149 -12.08 -28.37 -9.69
CA GLY A 149 -13.45 -28.55 -10.11
C GLY A 149 -14.00 -27.31 -10.77
N ASN A 150 -15.26 -27.00 -10.50
CA ASN A 150 -15.89 -25.80 -11.06
C ASN A 150 -15.75 -24.59 -10.15
N SER A 151 -14.87 -24.69 -9.15
CA SER A 151 -14.72 -23.65 -8.14
C SER A 151 -14.07 -22.38 -8.68
N GLN A 152 -14.65 -21.23 -8.33
CA GLN A 152 -14.12 -19.94 -8.74
C GLN A 152 -12.94 -19.53 -7.87
N ARG A 153 -12.71 -20.27 -6.80
CA ARG A 153 -11.65 -19.92 -5.85
C ARG A 153 -10.38 -20.70 -6.10
N PRO A 154 -9.27 -19.98 -6.37
CA PRO A 154 -7.95 -20.58 -6.55
C PRO A 154 -7.53 -21.43 -5.36
N THR A 155 -6.82 -22.52 -5.62
CA THR A 155 -6.32 -23.37 -4.55
C THR A 155 -4.86 -23.07 -4.27
N ILE A 156 -4.12 -22.71 -5.32
CA ILE A 156 -2.69 -22.45 -5.19
C ILE A 156 -2.19 -21.51 -6.28
N PHE A 157 -1.24 -20.66 -5.93
CA PHE A 157 -0.62 -19.73 -6.87
C PHE A 157 0.82 -20.12 -7.19
N LYS A 158 1.12 -20.29 -8.47
CA LYS A 158 2.49 -20.56 -8.89
C LYS A 158 3.04 -19.32 -9.59
N VAL A 159 4.12 -18.77 -9.04
CA VAL A 159 4.70 -17.55 -9.58
C VAL A 159 6.17 -17.71 -9.93
N GLU A 160 6.51 -17.42 -11.19
CA GLU A 160 7.89 -17.40 -11.63
C GLU A 160 8.27 -15.99 -12.04
N TYR A 161 9.52 -15.61 -11.79
CA TYR A 161 10.00 -14.28 -12.13
C TYR A 161 11.52 -14.22 -12.12
N GLU A 162 12.07 -13.26 -12.86
CA GLU A 162 13.52 -13.12 -12.95
C GLU A 162 13.98 -11.78 -12.39
N ILE A 163 14.94 -11.84 -11.47
CA ILE A 163 15.52 -10.66 -10.86
C ILE A 163 16.92 -10.42 -11.39
N ASN A 164 17.06 -9.44 -12.28
CA ASN A 164 18.31 -9.20 -13.00
C ASN A 164 18.87 -10.48 -13.61
N GLY A 165 17.99 -11.32 -14.13
CA GLY A 165 18.40 -12.52 -14.83
C GLY A 165 18.18 -13.83 -14.07
N GLU A 166 18.17 -13.76 -12.75
CA GLU A 166 18.05 -14.96 -11.93
C GLU A 166 16.60 -15.40 -11.77
N ARG A 167 16.31 -16.64 -12.13
CA ARG A 167 14.94 -17.15 -12.07
C ARG A 167 14.57 -17.56 -10.64
N ASN A 168 13.41 -17.08 -10.19
CA ASN A 168 12.87 -17.45 -8.89
C ASN A 168 11.52 -18.15 -9.05
N ILE A 169 11.16 -18.99 -8.09
CA ILE A 169 9.90 -19.72 -8.15
C ILE A 169 9.19 -19.73 -6.80
N ARG A 170 7.92 -19.35 -6.81
CA ARG A 170 7.11 -19.33 -5.60
C ARG A 170 5.85 -20.17 -5.76
N ARG A 171 5.61 -21.05 -4.79
CA ARG A 171 4.35 -21.80 -4.74
C ARG A 171 3.59 -21.40 -3.48
N ILE A 172 2.47 -20.72 -3.67
CA ILE A 172 1.71 -20.16 -2.55
C ILE A 172 0.31 -20.73 -2.47
N LEU A 173 0.05 -21.54 -1.44
CA LEU A 173 -1.28 -22.09 -1.22
C LEU A 173 -2.27 -21.00 -0.84
N ASN A 174 -3.50 -21.12 -1.33
CA ASN A 174 -4.51 -20.12 -1.02
C ASN A 174 -5.19 -20.43 0.30
N LYS A 175 -4.41 -20.45 1.37
CA LYS A 175 -4.91 -20.66 2.72
C LYS A 175 -4.23 -19.71 3.71
N SER B 6 -4.18 8.96 25.80
CA SER B 6 -3.45 8.79 27.06
C SER B 6 -2.23 9.69 27.11
N LYS B 7 -1.42 9.65 26.07
CA LYS B 7 -0.23 10.49 25.98
C LYS B 7 -0.58 11.94 25.64
N TYR B 8 -1.80 12.15 25.17
CA TYR B 8 -2.24 13.49 24.79
C TYR B 8 -2.75 14.27 25.99
N VAL B 9 -2.31 15.52 26.10
CA VAL B 9 -2.89 16.47 27.05
C VAL B 9 -2.95 17.86 26.43
N GLU B 10 -4.02 18.60 26.72
CA GLU B 10 -4.12 19.99 26.29
C GLU B 10 -2.90 20.79 26.72
N SER B 11 -2.46 21.70 25.85
CA SER B 11 -1.34 22.57 26.17
C SER B 11 -1.67 24.00 25.77
N PRO B 12 -1.41 24.96 26.68
CA PRO B 12 -1.63 26.37 26.37
C PRO B 12 -0.57 26.93 25.43
N ASN B 13 0.42 26.11 25.08
CA ASN B 13 1.44 26.51 24.13
C ASN B 13 0.96 26.38 22.69
N TYR B 14 -0.26 25.90 22.52
CA TYR B 14 -0.85 25.71 21.21
C TYR B 14 -2.28 26.20 21.19
N THR B 15 -2.69 26.79 20.07
CA THR B 15 -4.04 27.31 19.91
C THR B 15 -4.89 26.37 19.07
N LYS B 16 -5.93 25.81 19.67
CA LYS B 16 -6.87 24.97 18.94
C LYS B 16 -7.50 25.75 17.81
N VAL B 17 -7.60 25.12 16.65
CA VAL B 17 -8.31 25.72 15.52
C VAL B 17 -9.26 24.69 14.93
N GLU B 18 -10.38 25.15 14.38
CA GLU B 18 -11.31 24.26 13.71
C GLU B 18 -10.63 23.67 12.49
N PHE B 19 -10.93 22.42 12.16
CA PHE B 19 -10.31 21.78 11.01
C PHE B 19 -10.74 22.48 9.72
N GLY B 20 -9.76 23.00 8.99
CA GLY B 20 -10.02 23.78 7.78
C GLY B 20 -9.45 25.18 7.91
N GLU B 21 -9.32 25.63 9.15
CA GLU B 21 -8.77 26.96 9.42
C GLU B 21 -7.36 26.86 10.00
N HIS B 22 -6.64 25.81 9.61
CA HIS B 22 -5.31 25.55 10.14
C HIS B 22 -4.19 25.94 9.17
N TYR B 23 -4.56 26.60 8.09
CA TYR B 23 -3.58 27.07 7.12
C TYR B 23 -3.35 28.59 7.26
N ALA B 24 -2.11 29.00 7.06
CA ALA B 24 -1.76 30.42 7.13
C ALA B 24 -1.96 31.10 5.79
N ARG B 25 -1.41 30.50 4.74
CA ARG B 25 -1.57 31.01 3.38
C ARG B 25 -2.07 29.91 2.45
N LEU B 26 -2.31 30.26 1.19
CA LEU B 26 -2.80 29.30 0.21
C LEU B 26 -2.05 29.40 -1.10
N ARG B 27 -0.94 30.15 -1.10
CA ARG B 27 -0.13 30.32 -2.31
C ARG B 27 1.34 30.54 -1.97
N PRO B 28 2.07 29.45 -1.68
CA PRO B 28 1.59 28.07 -1.59
C PRO B 28 0.94 27.79 -0.25
N LYS B 29 0.53 26.56 -0.01
CA LYS B 29 -0.18 26.21 1.22
C LYS B 29 0.80 26.04 2.39
N LYS B 30 0.58 26.81 3.45
CA LYS B 30 1.43 26.74 4.63
C LYS B 30 0.60 26.73 5.91
N LEU B 31 1.05 25.96 6.89
CA LEU B 31 0.34 25.83 8.15
C LEU B 31 0.60 27.02 9.08
N LYS B 32 -0.38 27.31 9.94
CA LYS B 32 -0.20 28.32 10.98
C LYS B 32 0.82 27.83 12.00
N ALA B 33 1.39 28.75 12.76
CA ALA B 33 2.38 28.40 13.78
C ALA B 33 1.73 28.20 15.15
N ASN B 34 2.27 27.26 15.91
CA ASN B 34 1.80 26.98 17.28
C ASN B 34 0.30 26.74 17.39
N ILE B 35 -0.25 25.96 16.47
CA ILE B 35 -1.67 25.62 16.52
C ILE B 35 -1.87 24.12 16.74
N GLU B 36 -3.10 23.74 17.02
CA GLU B 36 -3.48 22.34 17.16
C GLU B 36 -4.80 22.08 16.47
N TYR B 37 -4.82 21.13 15.54
CA TYR B 37 -6.04 20.83 14.80
C TYR B 37 -6.33 19.34 14.82
N THR B 38 -7.62 19.01 14.76
CA THR B 38 -8.05 17.62 14.74
C THR B 38 -8.71 17.30 13.40
N THR B 39 -8.20 16.26 12.73
CA THR B 39 -8.75 15.81 11.46
C THR B 39 -10.14 15.23 11.67
N PRO B 40 -10.93 15.08 10.59
CA PRO B 40 -12.23 14.40 10.73
C PRO B 40 -12.09 12.98 11.25
N THR B 41 -10.94 12.35 10.99
CA THR B 41 -10.70 10.99 11.43
C THR B 41 -10.43 10.93 12.94
N GLY B 42 -10.10 12.07 13.53
CA GLY B 42 -9.85 12.14 14.96
C GLY B 42 -8.38 12.26 15.31
N HIS B 43 -7.53 12.36 14.30
CA HIS B 43 -6.09 12.51 14.51
C HIS B 43 -5.76 13.94 14.91
N ILE B 44 -4.88 14.10 15.90
CA ILE B 44 -4.54 15.42 16.40
C ILE B 44 -3.11 15.81 16.07
N TYR B 45 -2.95 16.97 15.43
CA TYR B 45 -1.63 17.47 15.05
C TYR B 45 -1.31 18.78 15.76
N ARG B 46 -0.01 19.04 15.93
CA ARG B 46 0.45 20.33 16.44
C ARG B 46 1.62 20.83 15.59
N THR B 47 1.71 22.14 15.43
CA THR B 47 2.80 22.75 14.67
C THR B 47 3.68 23.59 15.58
N ASP B 48 4.94 23.76 15.20
CA ASP B 48 5.87 24.56 15.99
C ASP B 48 5.79 26.03 15.61
N HIS B 49 6.79 26.80 15.99
CA HIS B 49 6.80 28.25 15.77
C HIS B 49 7.04 28.63 14.31
N LYS B 50 7.35 27.64 13.48
CA LYS B 50 7.62 27.89 12.07
C LYS B 50 6.53 27.29 11.18
N GLY B 51 5.48 26.76 11.80
CA GLY B 51 4.39 26.16 11.06
C GLY B 51 4.66 24.74 10.64
N ARG B 52 5.72 24.15 11.18
CA ARG B 52 6.11 22.78 10.86
C ARG B 52 5.41 21.79 11.80
N ILE B 53 4.91 20.71 11.24
CA ILE B 53 4.26 19.67 12.04
C ILE B 53 5.23 19.14 13.08
N LYS B 54 4.84 19.27 14.35
CA LYS B 54 5.73 18.93 15.45
C LYS B 54 5.30 17.65 16.17
N GLU B 55 4.01 17.48 16.37
CA GLU B 55 3.49 16.33 17.11
C GLU B 55 2.22 15.77 16.46
N VAL B 56 2.06 14.45 16.55
CA VAL B 56 0.85 13.78 16.08
C VAL B 56 0.34 12.80 17.13
N TYR B 57 -0.97 12.83 17.39
CA TYR B 57 -1.56 11.93 18.39
C TYR B 57 -2.69 11.09 17.80
N VAL B 58 -2.62 9.78 18.02
CA VAL B 58 -3.70 8.88 17.63
C VAL B 58 -4.14 8.04 18.83
N ASP B 59 -5.39 8.20 19.24
CA ASP B 59 -5.92 7.45 20.38
C ASP B 59 -6.05 5.97 20.04
N ASN B 60 -6.69 5.68 18.92
CA ASN B 60 -6.92 4.30 18.49
C ASN B 60 -6.77 4.17 16.98
N LEU B 61 -5.77 3.41 16.55
CA LEU B 61 -5.50 3.21 15.13
C LEU B 61 -6.49 2.21 14.53
N SER B 62 -6.93 2.47 13.31
CA SER B 62 -7.84 1.56 12.62
C SER B 62 -7.66 1.65 11.10
N LEU B 63 -7.89 0.54 10.42
CA LEU B 63 -7.74 0.49 8.97
C LEU B 63 -8.97 1.06 8.25
N LYS B 64 -8.73 1.68 7.10
CA LYS B 64 -9.76 2.37 6.31
C LYS B 64 -10.32 3.57 7.08
N HIS B 71 0.64 17.12 -5.92
CA HIS B 71 1.46 18.32 -5.90
C HIS B 71 2.05 18.56 -4.52
N ALA B 72 1.21 18.42 -3.49
CA ALA B 72 1.64 18.58 -2.11
C ALA B 72 2.79 17.64 -1.78
N GLN B 73 2.72 16.43 -2.34
CA GLN B 73 3.77 15.44 -2.14
C GLN B 73 5.06 15.85 -2.84
N ARG B 74 4.92 16.59 -3.94
CA ARG B 74 6.06 16.99 -4.74
C ARG B 74 6.80 18.20 -4.14
N THR B 75 6.08 19.02 -3.39
CA THR B 75 6.62 20.31 -2.97
C THR B 75 6.85 20.46 -1.46
N VAL B 76 6.45 19.47 -0.68
CA VAL B 76 6.58 19.59 0.78
C VAL B 76 8.05 19.54 1.19
N GLY B 77 8.44 20.46 2.07
CA GLY B 77 9.82 20.55 2.51
C GLY B 77 10.49 21.79 1.97
N GLY B 78 9.89 22.37 0.93
CA GLY B 78 10.39 23.59 0.33
C GLY B 78 11.79 23.46 -0.22
N GLU B 79 12.63 24.45 0.06
CA GLU B 79 14.00 24.49 -0.43
C GLU B 79 14.90 23.54 0.36
N ASP B 80 14.39 22.99 1.45
CA ASP B 80 15.15 22.06 2.28
C ASP B 80 14.95 20.61 1.83
N ARG B 81 14.01 20.40 0.92
CA ARG B 81 13.70 19.07 0.41
C ARG B 81 14.87 18.50 -0.40
N LEU B 82 15.30 17.29 -0.05
CA LEU B 82 16.42 16.64 -0.72
C LEU B 82 15.95 15.84 -1.95
N PRO B 83 16.87 15.58 -2.89
CA PRO B 83 16.53 14.85 -4.12
C PRO B 83 15.95 13.46 -3.88
N ASP B 84 16.39 12.77 -2.84
CA ASP B 84 15.91 11.42 -2.55
C ASP B 84 14.76 11.42 -1.56
N ASP B 85 14.07 12.55 -1.43
CA ASP B 85 12.95 12.64 -0.49
C ASP B 85 11.62 12.41 -1.19
N ASP B 86 10.70 11.78 -0.48
CA ASP B 86 9.31 11.69 -0.90
C ASP B 86 8.45 12.66 -0.10
N GLY B 87 7.23 12.89 -0.56
CA GLY B 87 6.23 13.55 0.26
C GLY B 87 5.66 12.48 1.16
N GLY B 88 6.26 12.31 2.34
CA GLY B 88 5.88 11.25 3.24
C GLY B 88 4.71 11.60 4.15
N ALA B 89 3.71 10.73 4.18
CA ALA B 89 2.60 10.89 5.11
C ALA B 89 2.98 10.38 6.50
N LEU B 90 2.66 11.15 7.53
CA LEU B 90 2.92 10.74 8.91
C LEU B 90 1.92 9.66 9.31
N ILE B 91 0.66 9.91 9.00
CA ILE B 91 -0.39 8.90 9.16
C ILE B 91 -0.79 8.41 7.77
N ALA B 92 -0.49 7.14 7.49
CA ALA B 92 -0.78 6.56 6.18
C ALA B 92 -2.26 6.70 5.82
N ARG B 93 -2.54 6.78 4.52
CA ARG B 93 -3.90 6.91 4.02
C ARG B 93 -4.77 5.75 4.49
N MET B 94 -4.16 4.56 4.56
CA MET B 94 -4.87 3.35 4.97
C MET B 94 -5.36 3.42 6.43
N PHE B 95 -4.82 4.38 7.19
CA PHE B 95 -5.24 4.58 8.58
C PHE B 95 -6.17 5.79 8.71
N GLY B 96 -6.50 6.41 7.58
CA GLY B 96 -7.36 7.58 7.58
C GLY B 96 -6.59 8.90 7.48
N GLY B 97 -5.30 8.81 7.17
CA GLY B 97 -4.47 9.98 7.05
C GLY B 97 -4.83 10.84 5.86
N SER B 98 -4.57 12.15 5.98
CA SER B 98 -4.88 13.09 4.91
C SER B 98 -3.87 12.99 3.78
N LYS B 99 -4.14 13.67 2.68
CA LYS B 99 -3.24 13.71 1.54
C LYS B 99 -2.62 15.10 1.38
N ASP B 100 -3.09 16.04 2.18
CA ASP B 100 -2.61 17.42 2.11
C ASP B 100 -1.35 17.63 2.95
N ILE B 101 -0.82 18.84 2.93
CA ILE B 101 0.42 19.15 3.64
C ILE B 101 0.24 19.22 5.15
N ASP B 102 -0.99 19.01 5.63
CA ASP B 102 -1.24 18.94 7.06
C ASP B 102 -0.94 17.53 7.58
N ASN B 103 -0.44 16.68 6.70
CA ASN B 103 -0.08 15.32 7.06
C ASN B 103 1.21 14.85 6.37
N LEU B 104 1.78 15.71 5.53
CA LEU B 104 2.96 15.34 4.76
C LEU B 104 4.22 16.08 5.21
N VAL B 105 5.34 15.37 5.20
CA VAL B 105 6.65 15.97 5.42
C VAL B 105 7.64 15.45 4.39
N ALA B 106 8.71 16.22 4.16
CA ALA B 106 9.79 15.77 3.31
C ALA B 106 10.47 14.58 3.97
N GLN B 107 10.22 13.39 3.45
CA GLN B 107 10.69 12.17 4.08
C GLN B 107 11.54 11.35 3.11
N SER B 108 12.71 10.94 3.58
CA SER B 108 13.60 10.11 2.78
C SER B 108 12.87 8.89 2.23
N LYS B 109 13.03 8.64 0.94
CA LYS B 109 12.40 7.50 0.29
C LYS B 109 12.89 6.20 0.91
N PHE B 110 14.08 6.24 1.50
CA PHE B 110 14.71 5.04 2.03
C PHE B 110 14.04 4.57 3.31
N ILE B 111 13.20 5.42 3.90
CA ILE B 111 12.39 4.98 5.03
C ILE B 111 10.92 4.97 4.67
N ASN B 112 10.51 5.83 3.73
CA ASN B 112 9.11 5.88 3.29
C ASN B 112 8.69 4.63 2.53
N ARG B 113 9.56 4.16 1.62
CA ARG B 113 9.26 3.00 0.80
C ARG B 113 9.94 1.75 1.32
N PRO B 114 9.44 0.57 0.92
CA PRO B 114 10.15 -0.67 1.26
C PRO B 114 11.52 -0.75 0.59
N PHE B 115 12.56 -0.71 1.42
CA PHE B 115 13.93 -0.96 0.99
C PHE B 115 14.49 -2.09 1.84
N LYS B 116 15.21 -3.01 1.21
CA LYS B 116 15.74 -4.16 1.94
C LYS B 116 16.65 -3.70 3.07
N GLU B 117 16.43 -4.25 4.25
CA GLU B 117 17.17 -3.92 5.47
C GLU B 117 16.92 -2.48 5.94
N LYS B 118 15.91 -1.84 5.35
CA LYS B 118 15.57 -0.47 5.73
C LYS B 118 14.06 -0.23 5.60
N GLY B 119 13.68 0.88 4.99
CA GLY B 119 12.27 1.22 4.83
C GLY B 119 11.55 1.32 6.16
N HIS B 120 12.20 1.95 7.13
CA HIS B 120 11.77 1.93 8.52
C HIS B 120 10.33 2.44 8.73
N TRP B 121 9.96 3.50 8.03
CA TRP B 121 8.63 4.06 8.20
C TRP B 121 7.59 3.13 7.59
N TYR B 122 7.89 2.60 6.42
CA TYR B 122 7.02 1.63 5.78
C TYR B 122 6.79 0.41 6.66
N ASN B 123 7.87 -0.07 7.28
CA ASN B 123 7.81 -1.28 8.09
C ASN B 123 7.11 -1.08 9.43
N LEU B 124 7.18 0.14 9.96
CA LEU B 124 6.40 0.49 11.14
C LEU B 124 4.91 0.41 10.84
N GLU B 125 4.54 0.89 9.65
CA GLU B 125 3.15 0.85 9.21
C GLU B 125 2.71 -0.57 8.93
N LYS B 126 3.63 -1.40 8.46
CA LYS B 126 3.35 -2.80 8.20
C LYS B 126 3.09 -3.56 9.50
N GLU B 127 3.93 -3.30 10.50
CA GLU B 127 3.79 -3.93 11.81
C GLU B 127 2.44 -3.59 12.43
N TRP B 128 2.02 -2.34 12.26
CA TRP B 128 0.72 -1.89 12.76
C TRP B 128 -0.42 -2.65 12.08
N GLN B 129 -0.28 -2.88 10.78
CA GLN B 129 -1.26 -3.66 10.03
C GLN B 129 -1.33 -5.09 10.56
N GLU B 130 -0.17 -5.69 10.77
CA GLU B 130 -0.08 -7.05 11.27
C GLU B 130 -0.80 -7.18 12.62
N PHE B 131 -0.65 -6.18 13.47
CA PHE B 131 -1.29 -6.19 14.78
C PHE B 131 -2.81 -6.02 14.65
N LEU B 132 -3.23 -5.07 13.82
CA LEU B 132 -4.65 -4.82 13.61
C LEU B 132 -5.33 -6.01 12.93
N ASN B 133 -4.68 -6.57 11.91
CA ASN B 133 -5.21 -7.74 11.21
C ASN B 133 -5.37 -8.95 12.12
N SER B 134 -4.49 -9.07 13.11
CA SER B 134 -4.51 -10.22 14.00
C SER B 134 -5.51 -10.03 15.14
N GLY B 135 -6.11 -8.85 15.21
CA GLY B 135 -7.15 -8.59 16.19
C GLY B 135 -6.68 -7.79 17.41
N LYS B 136 -5.43 -7.37 17.39
CA LYS B 136 -4.88 -6.63 18.51
C LYS B 136 -5.10 -5.13 18.36
N GLU B 137 -5.01 -4.41 19.47
CA GLU B 137 -5.23 -2.97 19.48
C GLU B 137 -3.91 -2.20 19.36
N VAL B 138 -3.91 -1.20 18.49
CA VAL B 138 -2.80 -0.25 18.42
C VAL B 138 -3.29 1.09 18.94
N LYS B 139 -2.85 1.46 20.14
CA LYS B 139 -3.40 2.62 20.81
C LYS B 139 -2.35 3.64 21.25
N ASN B 140 -2.84 4.85 21.56
CA ASN B 140 -2.02 5.93 22.09
C ASN B 140 -0.73 6.15 21.31
N ILE B 141 -0.87 6.36 20.01
CA ILE B 141 0.29 6.68 19.19
C ILE B 141 0.68 8.13 19.38
N LYS B 142 1.94 8.36 19.71
CA LYS B 142 2.46 9.72 19.77
C LYS B 142 3.68 9.84 18.85
N MET B 143 3.59 10.74 17.88
CA MET B 143 4.73 11.04 17.03
C MET B 143 5.28 12.40 17.40
N GLU B 144 6.60 12.50 17.45
CA GLU B 144 7.24 13.81 17.56
C GLU B 144 8.23 13.98 16.41
N VAL B 145 8.08 15.06 15.66
CA VAL B 145 8.96 15.33 14.54
C VAL B 145 9.97 16.39 14.95
N LYS B 146 11.25 16.07 14.79
CA LYS B 146 12.31 16.99 15.18
C LYS B 146 12.97 17.65 13.97
N TYR B 147 13.37 18.90 14.14
CA TYR B 147 14.07 19.64 13.09
C TYR B 147 15.34 20.25 13.65
N SER B 148 16.18 20.79 12.78
CA SER B 148 17.35 21.53 13.21
C SER B 148 17.35 22.88 12.52
N GLY B 149 17.54 23.95 13.30
CA GLY B 149 17.52 25.30 12.77
C GLY B 149 16.18 25.65 12.16
N ASN B 150 16.21 26.34 11.02
CA ASN B 150 15.00 26.75 10.33
C ASN B 150 14.61 25.81 9.19
N SER B 151 15.20 24.62 9.17
CA SER B 151 14.94 23.66 8.11
C SER B 151 13.52 23.10 8.17
N GLN B 152 12.89 22.99 7.02
CA GLN B 152 11.55 22.41 6.94
C GLN B 152 11.63 20.90 6.75
N ARG B 153 12.85 20.38 6.67
CA ARG B 153 13.05 18.94 6.53
C ARG B 153 13.34 18.30 7.88
N PRO B 154 12.47 17.38 8.31
CA PRO B 154 12.67 16.63 9.55
C PRO B 154 14.04 15.95 9.60
N THR B 155 14.61 15.88 10.79
CA THR B 155 15.87 15.17 10.98
C THR B 155 15.63 13.78 11.58
N ILE B 156 14.64 13.70 12.47
CA ILE B 156 14.34 12.43 13.13
C ILE B 156 12.88 12.35 13.58
N PHE B 157 12.30 11.15 13.45
CA PHE B 157 10.94 10.88 13.92
C PHE B 157 10.98 10.01 15.17
N LYS B 158 10.30 10.46 16.21
CA LYS B 158 10.17 9.69 17.44
C LYS B 158 8.73 9.20 17.57
N VAL B 159 8.55 7.89 17.63
CA VAL B 159 7.21 7.31 17.67
C VAL B 159 6.98 6.40 18.88
N GLU B 160 5.95 6.71 19.66
CA GLU B 160 5.52 5.86 20.77
C GLU B 160 4.13 5.29 20.48
N TYR B 161 3.90 4.05 20.89
CA TYR B 161 2.60 3.43 20.68
C TYR B 161 2.40 2.22 21.61
N GLU B 162 1.14 1.83 21.80
CA GLU B 162 0.82 0.69 22.65
C GLU B 162 0.18 -0.46 21.88
N ILE B 163 0.72 -1.66 22.03
CA ILE B 163 0.14 -2.87 21.44
C ILE B 163 -0.49 -3.72 22.53
N ASN B 164 -1.81 -3.67 22.62
CA ASN B 164 -2.56 -4.36 23.68
C ASN B 164 -2.06 -3.98 25.08
N GLY B 165 -1.56 -2.76 25.20
CA GLY B 165 -1.06 -2.26 26.47
C GLY B 165 0.46 -2.21 26.53
N GLU B 166 1.12 -3.00 25.69
CA GLU B 166 2.58 -3.04 25.66
C GLU B 166 3.15 -1.80 24.97
N ARG B 167 3.88 -1.00 25.74
CA ARG B 167 4.44 0.25 25.22
C ARG B 167 5.66 -0.02 24.36
N ASN B 168 5.69 0.60 23.18
CA ASN B 168 6.80 0.48 22.26
C ASN B 168 7.33 1.85 21.87
N ILE B 169 8.61 1.92 21.52
CA ILE B 169 9.19 3.18 21.06
C ILE B 169 10.16 2.95 19.91
N ARG B 170 10.07 3.82 18.91
CA ARG B 170 10.96 3.80 17.77
C ARG B 170 11.50 5.20 17.48
N ARG B 171 12.79 5.30 17.22
CA ARG B 171 13.37 6.56 16.76
C ARG B 171 13.98 6.34 15.39
N ILE B 172 13.47 7.06 14.40
CA ILE B 172 13.87 6.83 13.02
C ILE B 172 14.50 8.08 12.42
N LEU B 173 15.76 7.96 12.03
CA LEU B 173 16.45 9.06 11.35
C LEU B 173 15.83 9.29 9.99
N ASN B 174 15.76 10.55 9.57
CA ASN B 174 15.21 10.86 8.26
C ASN B 174 16.30 10.75 7.18
N LYS B 175 16.91 9.58 7.10
CA LYS B 175 17.99 9.32 6.15
C LYS B 175 17.90 7.90 5.61
MG MG C . -3.36 -7.75 -2.23
MG MG D . 4.41 6.90 3.32
#